data_1BEY
#
_entry.id   1BEY
#
_cell.length_a   80.060
_cell.length_b   80.060
_cell.length_c   347.250
_cell.angle_alpha   90.00
_cell.angle_beta   90.00
_cell.angle_gamma   120.00
#
_symmetry.space_group_name_H-M   'P 65 2 2'
#
loop_
_entity.id
_entity.type
_entity.pdbx_description
1 polymer 'CAMPATH-1H ANTIBODY'
2 polymer 'CAMPATH-1H ANTIBODY'
#
loop_
_entity_poly.entity_id
_entity_poly.type
_entity_poly.pdbx_seq_one_letter_code
_entity_poly.pdbx_strand_id
1 'polypeptide(L)'
;DIQMTQSPSSLSASVGDRVTITCKASQNIDKYLNWYQQKPGKAPKLLIYNTNNLQTGVPSRFSGSGSGTDFTFTISSLQP
EDIATYYCLQHISRPRTFGQGTKVEIKRTVAAPSVFIFPPSDEQLKSGTASVVCLLNNFYPREAKVQWKVDNALQSGNSQ
ESVTEQDSKDSTYSLSSTLTLSKADYEKHKVYACEVTHQGLSSPVTKSFNRGEC
;
L
2 'polypeptide(L)'
;QVQLQESGPGLVRPSQTLSLTCTVSGFTFTDFYMNWVRQPPGRGLEWIGFIRDKAKGYTTEYNPSVKGRVTMLVDTSKNQ
FSLRLSSVTAADTAVYYCAREGHTAAPFDYWGQGSLVTVSSASTKGPSVFPLAPSSKSTSGGTAALGCLVKDYFPEPVTV
SWNSGALTSGVHTFPAVLQSSGLYSLSSVVTVPSSSLGTQTYICNVNHKPSNTKVDKKV
;
H
#
# COMPACT_ATOMS: atom_id res chain seq x y z
N ASP A 1 -10.40 -2.43 27.14
CA ASP A 1 -9.44 -3.01 26.17
C ASP A 1 -9.10 -4.42 26.64
N ILE A 2 -8.78 -5.30 25.70
CA ILE A 2 -8.43 -6.68 26.03
C ILE A 2 -7.29 -7.07 25.13
N GLN A 3 -6.14 -6.44 25.34
CA GLN A 3 -4.93 -6.67 24.54
C GLN A 3 -4.94 -8.02 23.80
N MET A 4 -4.72 -7.99 22.50
CA MET A 4 -4.67 -9.20 21.70
C MET A 4 -3.30 -9.24 21.03
N THR A 5 -2.53 -10.31 21.29
CA THR A 5 -1.20 -10.42 20.68
C THR A 5 -0.89 -11.71 19.89
N GLN A 6 -0.70 -11.55 18.59
CA GLN A 6 -0.38 -12.63 17.66
C GLN A 6 1.05 -13.03 17.78
N SER A 7 1.40 -14.08 17.07
CA SER A 7 2.75 -14.63 17.12
C SER A 7 2.81 -15.66 16.03
N PRO A 8 3.93 -15.71 15.28
CA PRO A 8 5.07 -14.82 15.39
C PRO A 8 4.67 -13.53 14.70
N SER A 9 5.58 -12.54 14.62
CA SER A 9 5.30 -11.23 14.02
C SER A 9 5.54 -11.02 12.51
N SER A 10 6.69 -11.51 12.05
CA SER A 10 7.08 -11.38 10.66
C SER A 10 7.76 -12.70 10.43
N LEU A 11 7.07 -13.67 9.83
CA LEU A 11 7.70 -14.96 9.64
C LEU A 11 8.10 -15.21 8.20
N SER A 12 8.71 -16.36 7.91
CA SER A 12 9.17 -16.67 6.55
C SER A 12 9.02 -18.13 6.11
N ALA A 13 7.80 -18.60 5.93
CA ALA A 13 7.62 -19.99 5.52
C ALA A 13 7.80 -20.15 4.03
N SER A 14 7.46 -21.33 3.50
CA SER A 14 7.61 -21.63 2.06
C SER A 14 6.32 -22.13 1.39
N VAL A 15 6.37 -22.27 0.05
CA VAL A 15 5.23 -22.72 -0.79
C VAL A 15 4.99 -24.21 -0.65
N GLY A 16 3.94 -24.59 0.04
CA GLY A 16 3.71 -26.02 0.23
C GLY A 16 3.90 -26.34 1.70
N ASP A 17 4.47 -25.37 2.39
CA ASP A 17 4.69 -25.46 3.82
C ASP A 17 3.40 -24.97 4.46
N ARG A 18 3.18 -25.36 5.71
CA ARG A 18 1.99 -24.94 6.42
C ARG A 18 2.47 -23.82 7.31
N VAL A 19 1.82 -22.66 7.19
CA VAL A 19 2.15 -21.50 8.03
C VAL A 19 1.08 -21.60 9.12
N THR A 20 1.50 -21.51 10.39
CA THR A 20 0.58 -21.59 11.53
C THR A 20 0.73 -20.37 12.41
N ILE A 21 -0.20 -19.44 12.36
CA ILE A 21 -0.09 -18.26 13.21
C ILE A 21 -1.00 -18.45 14.42
N THR A 22 -0.51 -18.02 15.59
CA THR A 22 -1.25 -18.17 16.86
C THR A 22 -1.35 -16.90 17.62
N CYS A 23 -2.51 -16.61 18.17
CA CYS A 23 -2.61 -15.40 18.96
C CYS A 23 -3.37 -15.57 20.26
N LYS A 24 -2.66 -15.43 21.38
CA LYS A 24 -3.19 -15.53 22.73
C LYS A 24 -4.07 -14.31 22.94
N ALA A 25 -4.74 -14.21 24.08
CA ALA A 25 -5.60 -13.07 24.38
C ALA A 25 -5.46 -12.72 25.85
N SER A 26 -5.25 -11.45 26.18
CA SER A 26 -5.08 -11.07 27.59
C SER A 26 -6.16 -11.76 28.42
N GLN A 27 -7.42 -11.40 28.17
CA GLN A 27 -8.53 -12.03 28.87
C GLN A 27 -9.19 -13.11 28.02
N ASN A 28 -10.42 -13.40 28.36
CA ASN A 28 -11.17 -14.43 27.66
C ASN A 28 -11.87 -13.93 26.38
N ILE A 29 -12.02 -14.82 25.41
CA ILE A 29 -12.56 -14.48 24.09
C ILE A 29 -13.80 -15.28 23.65
N ASP A 30 -13.77 -16.56 23.95
CA ASP A 30 -14.83 -17.51 23.63
C ASP A 30 -14.73 -17.81 22.14
N LYS A 31 -15.81 -17.63 21.40
CA LYS A 31 -15.83 -17.92 19.98
C LYS A 31 -15.72 -16.64 19.21
N TYR A 32 -15.54 -15.55 19.94
CA TYR A 32 -15.49 -14.22 19.34
C TYR A 32 -14.16 -13.69 18.83
N LEU A 33 -13.45 -14.46 18.01
CA LEU A 33 -12.16 -14.03 17.48
C LEU A 33 -12.06 -14.34 16.01
N ASN A 34 -12.20 -13.32 15.16
CA ASN A 34 -12.13 -13.49 13.69
C ASN A 34 -10.68 -13.55 13.23
N TRP A 35 -10.51 -13.29 11.93
CA TRP A 35 -9.19 -13.25 11.29
C TRP A 35 -9.25 -12.47 10.00
N TYR A 36 -8.19 -11.73 9.67
CA TYR A 36 -8.15 -11.01 8.42
C TYR A 36 -6.85 -11.15 7.67
N GLN A 37 -6.94 -11.04 6.37
CA GLN A 37 -5.77 -11.10 5.52
C GLN A 37 -5.65 -9.72 4.92
N GLN A 38 -4.51 -9.04 5.06
CA GLN A 38 -4.39 -7.74 4.43
C GLN A 38 -3.32 -7.68 3.34
N LYS A 39 -3.62 -8.16 2.13
CA LYS A 39 -2.64 -8.14 1.03
C LYS A 39 -1.91 -6.81 0.98
N PRO A 40 -0.68 -6.78 0.45
CA PRO A 40 0.13 -5.56 0.34
C PRO A 40 -0.47 -4.30 -0.27
N GLY A 41 -0.71 -3.30 0.56
CA GLY A 41 -1.25 -2.07 0.05
C GLY A 41 -2.74 -1.89 0.13
N LYS A 42 -3.48 -2.98 0.31
CA LYS A 42 -4.94 -2.89 0.38
C LYS A 42 -5.54 -2.70 1.78
N ALA A 43 -6.80 -3.11 1.90
CA ALA A 43 -7.53 -3.00 3.15
C ALA A 43 -7.73 -4.38 3.69
N PRO A 44 -8.01 -4.50 5.01
CA PRO A 44 -8.22 -5.82 5.59
C PRO A 44 -9.36 -6.53 4.89
N LYS A 45 -9.33 -7.85 4.93
CA LYS A 45 -10.37 -8.69 4.37
C LYS A 45 -10.63 -9.73 5.45
N LEU A 46 -11.88 -10.19 5.56
CA LEU A 46 -12.23 -11.20 6.57
C LEU A 46 -12.03 -12.64 6.07
N LEU A 47 -11.13 -13.36 6.76
CA LEU A 47 -10.74 -14.73 6.46
C LEU A 47 -11.38 -15.82 7.27
N ILE A 48 -11.88 -15.48 8.45
CA ILE A 48 -12.46 -16.44 9.36
C ILE A 48 -13.26 -15.71 10.43
N TYR A 49 -14.53 -16.05 10.64
CA TYR A 49 -15.26 -15.36 11.68
C TYR A 49 -15.73 -16.29 12.79
N ASN A 50 -15.63 -15.82 14.04
CA ASN A 50 -16.00 -16.53 15.28
C ASN A 50 -15.29 -17.83 15.60
N THR A 51 -13.99 -17.72 15.78
CA THR A 51 -13.09 -18.80 16.11
C THR A 51 -12.78 -19.84 15.05
N ASN A 52 -13.80 -20.40 14.41
CA ASN A 52 -13.55 -21.41 13.39
C ASN A 52 -14.48 -21.39 12.21
N ASN A 53 -15.14 -20.27 11.95
CA ASN A 53 -16.02 -20.21 10.80
C ASN A 53 -15.30 -19.62 9.58
N LEU A 54 -15.47 -20.28 8.44
CA LEU A 54 -14.89 -19.87 7.17
C LEU A 54 -15.80 -18.89 6.41
N GLN A 55 -15.24 -18.00 5.63
CA GLN A 55 -16.03 -17.05 4.87
C GLN A 55 -16.37 -17.66 3.52
N THR A 56 -17.20 -16.97 2.74
CA THR A 56 -17.53 -17.45 1.41
C THR A 56 -16.48 -16.78 0.56
N GLY A 57 -15.95 -17.55 -0.38
CA GLY A 57 -14.89 -17.04 -1.23
C GLY A 57 -13.55 -17.52 -0.71
N VAL A 58 -13.24 -17.26 0.56
CA VAL A 58 -11.96 -17.66 1.16
C VAL A 58 -11.66 -19.13 0.97
N PRO A 59 -10.43 -19.44 0.56
CA PRO A 59 -10.02 -20.82 0.33
C PRO A 59 -10.30 -21.79 1.49
N SER A 60 -9.84 -23.03 1.32
CA SER A 60 -10.02 -24.09 2.29
C SER A 60 -8.72 -24.46 2.97
N ARG A 61 -7.60 -23.94 2.44
CA ARG A 61 -6.29 -24.22 3.01
C ARG A 61 -6.16 -23.25 4.18
N PHE A 62 -7.21 -22.48 4.43
CA PHE A 62 -7.21 -21.57 5.57
C PHE A 62 -8.22 -22.15 6.54
N SER A 63 -8.01 -21.95 7.86
CA SER A 63 -8.89 -22.50 8.91
C SER A 63 -8.54 -22.09 10.34
N GLY A 64 -9.53 -22.00 11.21
CA GLY A 64 -9.29 -21.63 12.59
C GLY A 64 -9.36 -22.82 13.56
N SER A 65 -8.87 -22.66 14.79
CA SER A 65 -8.89 -23.76 15.77
C SER A 65 -9.23 -23.36 17.20
N GLY A 66 -10.08 -24.14 17.84
CA GLY A 66 -10.44 -23.88 19.23
C GLY A 66 -11.20 -22.64 19.64
N SER A 67 -10.75 -22.07 20.75
CA SER A 67 -11.34 -20.88 21.37
C SER A 67 -11.07 -20.87 22.89
N GLY A 68 -11.03 -19.69 23.50
CA GLY A 68 -10.76 -19.60 24.94
C GLY A 68 -9.85 -18.41 25.18
N THR A 69 -8.58 -18.61 24.89
CA THR A 69 -7.62 -17.53 25.00
C THR A 69 -6.53 -17.84 23.99
N ASP A 70 -6.04 -19.08 24.03
CA ASP A 70 -5.02 -19.54 23.09
C ASP A 70 -5.77 -19.68 21.77
N PHE A 71 -5.32 -19.01 20.73
CA PHE A 71 -5.96 -19.18 19.44
C PHE A 71 -4.88 -19.47 18.42
N THR A 72 -5.28 -20.09 17.29
CA THR A 72 -4.34 -20.45 16.23
C THR A 72 -5.04 -20.47 14.87
N PHE A 73 -4.34 -19.92 13.88
CA PHE A 73 -4.76 -19.78 12.48
C PHE A 73 -3.73 -20.56 11.66
N THR A 74 -4.21 -21.50 10.83
CA THR A 74 -3.31 -22.37 10.01
C THR A 74 -3.55 -22.47 8.49
N ILE A 75 -2.46 -22.54 7.69
CA ILE A 75 -2.53 -22.65 6.23
C ILE A 75 -2.12 -24.02 5.58
N SER A 76 -3.08 -24.93 5.35
CA SER A 76 -2.79 -26.24 4.74
C SER A 76 -1.46 -26.20 4.03
N SER A 77 -1.39 -25.42 2.96
CA SER A 77 -0.17 -25.25 2.20
C SER A 77 -0.24 -23.81 1.71
N LEU A 78 0.90 -23.13 1.75
CA LEU A 78 1.04 -21.73 1.37
C LEU A 78 1.36 -21.47 -0.13
N GLN A 79 0.63 -20.52 -0.74
CA GLN A 79 0.84 -20.11 -2.13
C GLN A 79 1.27 -18.63 -2.23
N PRO A 80 2.14 -18.33 -3.20
CA PRO A 80 2.75 -17.04 -3.52
C PRO A 80 1.78 -15.90 -3.56
N GLU A 81 0.52 -16.24 -3.40
CA GLU A 81 -0.56 -15.26 -3.40
C GLU A 81 -0.97 -15.01 -1.98
N ASP A 82 -0.20 -15.59 -1.05
CA ASP A 82 -0.43 -15.42 0.39
C ASP A 82 0.61 -14.60 1.12
N ILE A 83 1.24 -13.68 0.38
CA ILE A 83 2.25 -12.80 0.92
C ILE A 83 1.44 -11.65 1.42
N ALA A 84 0.78 -11.80 2.57
CA ALA A 84 -0.01 -10.72 3.16
C ALA A 84 0.49 -10.47 4.58
N THR A 85 -0.36 -9.92 5.42
CA THR A 85 0.02 -9.65 6.80
C THR A 85 -1.30 -10.02 7.34
N TYR A 86 -1.36 -11.03 8.20
CA TYR A 86 -2.64 -11.46 8.75
C TYR A 86 -2.86 -10.98 10.18
N TYR A 87 -4.10 -10.60 10.44
CA TYR A 87 -4.52 -10.08 11.73
C TYR A 87 -5.60 -10.87 12.41
N CYS A 88 -5.52 -10.91 13.74
CA CYS A 88 -6.56 -11.57 14.49
C CYS A 88 -7.22 -10.46 15.28
N LEU A 89 -8.45 -10.67 15.72
CA LEU A 89 -9.15 -9.64 16.46
C LEU A 89 -10.32 -10.31 17.15
N GLN A 90 -10.88 -9.64 18.16
CA GLN A 90 -11.98 -10.18 18.94
C GLN A 90 -13.08 -9.16 19.15
N HIS A 91 -14.32 -9.62 19.24
CA HIS A 91 -15.45 -8.72 19.41
C HIS A 91 -16.38 -8.93 20.61
N ILE A 92 -15.90 -9.62 21.65
CA ILE A 92 -16.70 -9.87 22.86
C ILE A 92 -17.01 -8.56 23.51
N SER A 93 -15.97 -7.90 24.02
CA SER A 93 -16.18 -6.62 24.66
C SER A 93 -16.03 -5.49 23.65
N ARG A 94 -15.47 -4.39 24.11
CA ARG A 94 -15.23 -3.22 23.30
C ARG A 94 -14.42 -2.31 24.19
N PRO A 95 -13.55 -1.50 23.58
CA PRO A 95 -13.32 -1.42 22.15
C PRO A 95 -12.81 -2.72 21.59
N ARG A 96 -12.92 -2.85 20.28
CA ARG A 96 -12.46 -4.05 19.59
C ARG A 96 -10.97 -3.90 19.56
N THR A 97 -10.27 -4.98 19.28
CA THR A 97 -8.83 -4.94 19.28
C THR A 97 -8.26 -5.93 18.27
N PHE A 98 -7.03 -5.70 17.86
CA PHE A 98 -6.37 -6.55 16.88
C PHE A 98 -4.98 -6.93 17.36
N GLY A 99 -4.40 -7.94 16.74
CA GLY A 99 -3.08 -8.34 17.11
C GLY A 99 -2.10 -7.37 16.50
N GLN A 100 -0.87 -7.35 17.00
CA GLN A 100 0.13 -6.43 16.46
C GLN A 100 0.42 -6.72 14.99
N GLY A 101 -0.11 -7.83 14.49
CA GLY A 101 0.07 -8.21 13.09
C GLY A 101 1.15 -9.24 12.82
N THR A 102 0.94 -10.09 11.82
CA THR A 102 1.93 -11.10 11.46
C THR A 102 2.20 -11.01 9.96
N LYS A 103 3.41 -10.63 9.57
CA LYS A 103 3.67 -10.50 8.14
C LYS A 103 3.98 -11.90 7.75
N VAL A 104 4.05 -12.23 6.45
CA VAL A 104 4.38 -13.59 6.00
C VAL A 104 5.03 -13.59 4.63
N GLU A 105 6.31 -13.22 4.53
CA GLU A 105 7.05 -13.17 3.26
C GLU A 105 7.28 -14.59 2.71
N ILE A 106 7.07 -14.84 1.40
CA ILE A 106 7.28 -16.19 0.83
C ILE A 106 8.70 -16.48 0.34
N LYS A 107 9.23 -17.63 0.74
CA LYS A 107 10.59 -18.02 0.37
C LYS A 107 10.63 -18.88 -0.87
N ARG A 108 11.47 -18.49 -1.82
CA ARG A 108 11.61 -19.19 -3.08
C ARG A 108 13.08 -19.40 -3.38
N THR A 109 13.39 -19.46 -4.68
CA THR A 109 14.75 -19.68 -5.16
C THR A 109 15.27 -18.50 -5.95
N VAL A 110 16.54 -18.15 -5.72
CA VAL A 110 17.18 -16.98 -6.37
C VAL A 110 16.81 -16.76 -7.84
N ALA A 111 16.37 -15.55 -8.16
CA ALA A 111 15.98 -15.21 -9.52
C ALA A 111 16.79 -14.03 -10.06
N ALA A 112 18.12 -14.21 -10.11
CA ALA A 112 19.03 -13.18 -10.59
C ALA A 112 18.35 -12.07 -11.38
N PRO A 113 18.55 -10.82 -10.94
CA PRO A 113 18.09 -9.49 -11.40
C PRO A 113 18.14 -9.08 -12.85
N SER A 114 17.30 -8.11 -13.19
CA SER A 114 17.27 -7.57 -14.55
C SER A 114 17.31 -6.06 -14.48
N VAL A 115 18.25 -5.44 -15.19
CA VAL A 115 18.36 -3.99 -15.17
C VAL A 115 17.87 -3.37 -16.47
N PHE A 116 17.46 -2.10 -16.41
CA PHE A 116 16.94 -1.40 -17.57
C PHE A 116 17.25 0.11 -17.55
N ILE A 117 18.47 0.49 -17.20
CA ILE A 117 18.88 1.91 -17.13
C ILE A 117 18.19 2.86 -18.13
N PHE A 118 17.29 3.71 -17.66
CA PHE A 118 16.56 4.63 -18.54
C PHE A 118 17.14 6.04 -18.62
N PRO A 119 17.83 6.41 -19.70
CA PRO A 119 18.32 7.80 -19.65
C PRO A 119 17.21 8.83 -19.32
N PRO A 120 17.59 10.05 -18.92
CA PRO A 120 16.70 11.17 -18.55
C PRO A 120 15.57 11.57 -19.50
N SER A 121 14.57 12.27 -18.97
CA SER A 121 13.43 12.70 -19.80
C SER A 121 13.55 14.10 -20.36
N ASP A 122 14.07 14.13 -21.59
CA ASP A 122 14.28 15.34 -22.37
C ASP A 122 13.74 16.55 -21.69
N GLU A 123 12.48 16.51 -21.29
CA GLU A 123 11.90 17.67 -20.66
C GLU A 123 12.08 17.84 -19.18
N GLN A 124 12.28 16.76 -18.42
CA GLN A 124 12.48 16.92 -16.99
C GLN A 124 13.67 17.88 -16.93
N LEU A 125 14.63 17.58 -17.80
CA LEU A 125 15.88 18.32 -18.01
C LEU A 125 15.51 19.62 -18.72
N LYS A 126 14.75 20.44 -18.00
CA LYS A 126 14.26 21.70 -18.52
C LYS A 126 13.81 22.38 -17.25
N SER A 127 14.21 21.74 -16.16
CA SER A 127 13.86 22.21 -14.84
C SER A 127 15.11 22.69 -14.11
N GLY A 128 16.26 22.50 -14.75
CA GLY A 128 17.52 22.85 -14.12
C GLY A 128 17.76 21.66 -13.23
N THR A 129 16.83 20.71 -13.34
CA THR A 129 16.79 19.47 -12.57
C THR A 129 16.72 18.30 -13.54
N ALA A 130 17.31 17.16 -13.18
CA ALA A 130 17.29 15.96 -14.02
C ALA A 130 17.70 14.68 -13.28
N SER A 131 16.81 13.70 -13.25
CA SER A 131 17.03 12.41 -12.56
C SER A 131 17.14 11.15 -13.43
N VAL A 132 18.28 10.49 -13.37
CA VAL A 132 18.55 9.28 -14.12
C VAL A 132 18.14 8.10 -13.28
N VAL A 133 17.04 7.45 -13.66
CA VAL A 133 16.48 6.27 -12.96
C VAL A 133 17.18 4.92 -13.26
N CYS A 134 17.28 4.07 -12.28
CA CYS A 134 17.87 2.78 -12.55
C CYS A 134 16.86 1.76 -12.01
N LEU A 135 16.73 0.63 -12.71
CA LEU A 135 15.74 -0.37 -12.38
C LEU A 135 16.25 -1.78 -12.56
N LEU A 136 15.97 -2.63 -11.56
CA LEU A 136 16.30 -4.05 -11.64
C LEU A 136 14.84 -4.53 -11.68
N ASN A 137 14.58 -5.81 -11.90
CA ASN A 137 13.18 -6.21 -11.94
C ASN A 137 13.03 -7.69 -11.70
N ASN A 138 12.24 -8.03 -10.69
CA ASN A 138 12.00 -9.41 -10.40
C ASN A 138 13.26 -10.15 -10.01
N PHE A 139 13.59 -10.18 -8.73
CA PHE A 139 14.76 -10.91 -8.25
C PHE A 139 14.47 -11.47 -6.87
N TYR A 140 15.47 -12.08 -6.25
CA TYR A 140 15.30 -12.66 -4.92
C TYR A 140 16.60 -13.29 -4.48
N PRO A 141 17.00 -13.06 -3.22
CA PRO A 141 16.37 -12.29 -2.15
C PRO A 141 16.20 -10.82 -2.47
N ARG A 142 15.97 -10.02 -1.42
CA ARG A 142 15.78 -8.58 -1.57
C ARG A 142 17.13 -7.91 -1.52
N GLU A 143 18.13 -8.65 -1.06
CA GLU A 143 19.51 -8.17 -0.93
C GLU A 143 20.15 -7.78 -2.28
N ALA A 144 19.97 -6.54 -2.70
CA ALA A 144 20.55 -6.08 -3.97
C ALA A 144 21.17 -4.69 -3.83
N LYS A 145 22.45 -4.58 -4.14
CA LYS A 145 23.13 -3.32 -4.01
C LYS A 145 23.54 -2.68 -5.36
N VAL A 146 22.92 -1.54 -5.67
CA VAL A 146 23.16 -0.79 -6.90
C VAL A 146 24.30 0.20 -6.78
N GLN A 147 25.29 0.09 -7.66
CA GLN A 147 26.46 0.96 -7.65
C GLN A 147 26.43 2.00 -8.77
N TRP A 148 26.03 3.23 -8.48
CA TRP A 148 26.00 4.29 -9.49
C TRP A 148 27.37 4.81 -9.85
N LYS A 149 27.59 5.03 -11.14
CA LYS A 149 28.87 5.58 -11.64
C LYS A 149 28.65 6.62 -12.72
N VAL A 150 29.33 7.74 -12.60
CA VAL A 150 29.23 8.80 -13.59
C VAL A 150 30.25 8.45 -14.70
N ASP A 151 31.06 9.42 -15.14
CA ASP A 151 32.03 9.10 -16.17
C ASP A 151 33.09 8.25 -15.49
N ASN A 152 32.68 7.02 -15.19
CA ASN A 152 33.48 5.98 -14.53
C ASN A 152 33.87 6.45 -13.13
N ALA A 153 33.17 7.49 -12.67
CA ALA A 153 33.40 8.09 -11.37
C ALA A 153 32.18 8.01 -10.44
N LEU A 154 31.86 9.13 -9.78
CA LEU A 154 30.73 9.24 -8.87
C LEU A 154 30.82 10.48 -7.94
N GLN A 155 29.77 10.68 -7.13
CA GLN A 155 29.66 11.76 -6.14
C GLN A 155 28.57 11.41 -5.11
N SER A 156 28.05 10.19 -5.25
CA SER A 156 26.99 9.61 -4.40
C SER A 156 25.82 10.50 -4.05
N GLY A 157 25.52 10.58 -2.75
CA GLY A 157 24.43 11.38 -2.24
C GLY A 157 23.37 11.74 -3.25
N ASN A 158 23.08 10.82 -4.17
CA ASN A 158 22.09 11.04 -5.22
C ASN A 158 21.19 9.81 -5.36
N SER A 159 21.77 8.66 -5.05
CA SER A 159 21.06 7.40 -5.12
C SER A 159 19.82 7.47 -4.22
N GLN A 160 19.03 6.39 -4.19
CA GLN A 160 17.83 6.34 -3.34
C GLN A 160 16.87 5.16 -3.56
N GLU A 161 17.00 4.14 -2.71
CA GLU A 161 16.20 2.92 -2.79
C GLU A 161 14.70 3.07 -2.52
N SER A 162 13.97 2.15 -3.14
CA SER A 162 12.53 1.99 -3.04
C SER A 162 12.36 0.69 -3.77
N VAL A 163 11.91 -0.36 -3.09
CA VAL A 163 11.71 -1.65 -3.72
C VAL A 163 10.25 -2.06 -3.48
N THR A 164 9.71 -2.93 -4.31
CA THR A 164 8.32 -3.31 -4.12
C THR A 164 8.03 -4.47 -3.15
N GLU A 165 6.74 -4.75 -2.98
CA GLU A 165 6.28 -5.86 -2.15
C GLU A 165 6.39 -7.14 -2.95
N GLN A 166 6.61 -8.24 -2.26
CA GLN A 166 6.77 -9.48 -2.96
C GLN A 166 5.62 -9.72 -3.88
N ASP A 167 5.91 -10.06 -5.12
CA ASP A 167 4.90 -10.34 -6.14
C ASP A 167 4.13 -11.58 -5.64
N SER A 168 2.89 -11.76 -6.06
CA SER A 168 2.11 -12.92 -5.64
C SER A 168 1.85 -13.88 -6.78
N LYS A 169 2.71 -13.77 -7.79
CA LYS A 169 2.70 -14.59 -8.98
C LYS A 169 4.05 -15.29 -8.86
N ASP A 170 5.13 -14.50 -8.86
CA ASP A 170 6.55 -14.95 -8.77
C ASP A 170 7.13 -15.08 -7.35
N SER A 171 6.99 -14.00 -6.57
CA SER A 171 7.47 -13.83 -5.20
C SER A 171 8.85 -13.18 -5.25
N THR A 172 9.01 -12.31 -6.24
CA THR A 172 10.24 -11.58 -6.56
C THR A 172 10.20 -10.07 -6.30
N TYR A 173 11.11 -9.57 -5.48
CA TYR A 173 11.12 -8.15 -5.20
C TYR A 173 11.67 -7.49 -6.44
N SER A 174 11.43 -6.17 -6.55
CA SER A 174 11.89 -5.29 -7.63
C SER A 174 12.08 -3.93 -7.01
N LEU A 175 13.20 -3.30 -7.36
CA LEU A 175 13.46 -1.97 -6.84
C LEU A 175 14.02 -1.04 -7.92
N SER A 176 13.60 0.21 -7.87
CA SER A 176 14.08 1.22 -8.79
C SER A 176 15.27 1.79 -8.05
N SER A 177 15.93 2.78 -8.65
CA SER A 177 17.10 3.35 -8.06
C SER A 177 17.43 4.69 -8.71
N THR A 178 16.54 5.67 -8.55
CA THR A 178 16.75 6.98 -9.19
C THR A 178 17.98 7.77 -8.80
N LEU A 179 18.77 8.12 -9.80
CA LEU A 179 19.96 8.93 -9.60
C LEU A 179 19.43 10.31 -10.00
N THR A 180 19.30 11.23 -9.06
CA THR A 180 18.81 12.56 -9.43
C THR A 180 19.91 13.60 -9.32
N LEU A 181 20.76 13.61 -10.33
CA LEU A 181 21.90 14.50 -10.40
C LEU A 181 21.53 15.89 -10.87
N SER A 182 20.24 16.16 -11.06
CA SER A 182 19.80 17.48 -11.48
C SER A 182 20.53 17.96 -12.71
N LYS A 183 20.05 19.04 -13.31
CA LYS A 183 20.66 19.60 -14.52
C LYS A 183 22.07 20.18 -14.40
N ALA A 184 22.56 20.66 -15.55
CA ALA A 184 23.87 21.27 -15.66
C ALA A 184 25.01 20.28 -15.39
N ASP A 185 24.68 19.09 -14.90
CA ASP A 185 25.71 18.11 -14.62
C ASP A 185 25.50 16.90 -15.53
N TYR A 186 24.24 16.62 -15.88
CA TYR A 186 23.90 15.51 -16.78
C TYR A 186 24.67 15.76 -18.05
N GLU A 187 24.92 17.04 -18.28
CA GLU A 187 25.65 17.52 -19.45
C GLU A 187 27.15 17.43 -19.18
N LYS A 188 27.59 18.11 -18.13
CA LYS A 188 29.00 18.15 -17.75
C LYS A 188 29.64 16.76 -17.73
N HIS A 189 28.87 15.73 -18.03
CA HIS A 189 29.39 14.37 -18.01
C HIS A 189 28.81 13.54 -19.18
N LYS A 190 29.15 12.26 -19.27
CA LYS A 190 28.64 11.46 -20.39
C LYS A 190 28.61 9.93 -20.37
N VAL A 191 28.49 9.29 -19.22
CA VAL A 191 28.42 7.83 -19.24
C VAL A 191 27.60 7.18 -18.11
N TYR A 192 27.20 8.00 -17.14
CA TYR A 192 26.40 7.57 -15.99
C TYR A 192 25.92 6.15 -16.11
N ALA A 193 26.65 5.18 -15.59
CA ALA A 193 26.19 3.81 -15.70
C ALA A 193 25.37 3.41 -14.46
N CYS A 194 25.20 2.12 -14.24
CA CYS A 194 24.43 1.65 -13.09
C CYS A 194 24.70 0.18 -12.80
N GLU A 195 25.93 -0.09 -12.39
CA GLU A 195 26.39 -1.41 -12.03
C GLU A 195 25.45 -1.98 -10.97
N VAL A 196 25.41 -3.31 -10.81
CA VAL A 196 24.54 -3.95 -9.82
C VAL A 196 24.80 -5.42 -9.36
N THR A 197 25.40 -5.59 -8.19
CA THR A 197 25.68 -6.93 -7.67
C THR A 197 24.52 -7.52 -6.86
N HIS A 198 24.35 -8.84 -6.89
CA HIS A 198 23.23 -9.51 -6.17
C HIS A 198 23.66 -10.89 -5.65
N GLN A 199 23.01 -11.40 -4.62
CA GLN A 199 23.34 -12.69 -4.00
C GLN A 199 23.44 -13.89 -4.95
N GLY A 200 22.46 -14.01 -5.86
CA GLY A 200 22.43 -15.14 -6.79
C GLY A 200 23.10 -15.05 -8.15
N LEU A 201 23.37 -13.84 -8.63
CA LEU A 201 24.01 -13.64 -9.95
C LEU A 201 25.45 -13.12 -9.77
N SER A 202 26.43 -14.04 -9.74
CA SER A 202 27.85 -13.72 -9.54
C SER A 202 28.49 -12.78 -10.56
N SER A 203 29.67 -12.24 -10.19
CA SER A 203 30.37 -11.28 -11.06
C SER A 203 29.33 -10.23 -11.53
N PRO A 204 29.32 -9.07 -10.85
CA PRO A 204 28.45 -7.91 -11.03
C PRO A 204 28.03 -7.69 -12.45
N VAL A 205 26.95 -6.91 -12.65
CA VAL A 205 26.42 -6.64 -14.01
C VAL A 205 25.78 -5.27 -14.14
N THR A 206 25.89 -4.67 -15.31
CA THR A 206 25.29 -3.36 -15.51
C THR A 206 24.78 -3.04 -16.90
N LYS A 207 23.85 -2.11 -16.91
CA LYS A 207 23.25 -1.56 -18.10
C LYS A 207 23.66 -0.10 -17.90
N SER A 208 24.37 0.46 -18.86
CA SER A 208 24.86 1.82 -18.75
C SER A 208 24.53 2.67 -19.95
N PHE A 209 25.43 3.57 -20.29
CA PHE A 209 25.31 4.42 -21.47
C PHE A 209 26.14 5.71 -21.38
N ASN A 210 26.93 5.94 -22.43
CA ASN A 210 27.79 7.10 -22.56
C ASN A 210 26.88 8.22 -22.99
N ARG A 211 25.65 8.17 -22.52
CA ARG A 211 24.65 9.16 -22.86
C ARG A 211 24.28 8.87 -24.31
N GLY A 212 24.80 9.70 -25.21
CA GLY A 212 24.54 9.52 -26.64
C GLY A 212 23.99 10.75 -27.34
N GLU A 213 24.37 11.93 -26.87
CA GLU A 213 23.88 13.13 -27.52
C GLU A 213 24.82 14.30 -27.33
N CYS A 214 24.19 15.48 -27.21
CA CYS A 214 24.85 16.77 -27.01
C CYS A 214 25.77 16.79 -25.78
N GLN B 1 -20.60 -6.52 -6.42
CA GLN B 1 -21.80 -6.66 -5.52
C GLN B 1 -22.18 -5.32 -4.91
N VAL B 2 -21.49 -5.05 -3.79
CA VAL B 2 -21.64 -3.86 -2.94
C VAL B 2 -20.43 -2.91 -3.00
N GLN B 3 -20.68 -1.63 -2.73
CA GLN B 3 -19.61 -0.65 -2.78
C GLN B 3 -19.51 0.25 -1.53
N LEU B 4 -18.27 0.47 -1.08
CA LEU B 4 -17.96 1.34 0.04
C LEU B 4 -16.70 2.11 -0.33
N GLN B 5 -16.88 3.30 -0.90
CA GLN B 5 -15.76 4.15 -1.26
C GLN B 5 -15.76 5.28 -0.22
N GLU B 6 -14.56 5.61 0.28
CA GLU B 6 -14.35 6.69 1.25
C GLU B 6 -14.23 8.02 0.50
N SER B 7 -13.73 9.05 1.16
CA SER B 7 -13.58 10.35 0.56
C SER B 7 -13.16 11.29 1.66
N GLY B 8 -12.72 12.50 1.31
CA GLY B 8 -12.31 13.45 2.32
C GLY B 8 -11.00 14.15 2.05
N PRO B 9 -10.66 15.20 2.83
CA PRO B 9 -9.45 15.99 2.72
C PRO B 9 -8.29 15.05 2.93
N GLY B 10 -7.26 15.20 2.10
CA GLY B 10 -6.13 14.31 2.17
C GLY B 10 -5.04 14.71 3.14
N LEU B 11 -4.85 16.04 3.29
CA LEU B 11 -3.86 16.62 4.20
C LEU B 11 -4.70 17.53 5.10
N VAL B 12 -4.38 17.61 6.40
CA VAL B 12 -5.14 18.50 7.31
C VAL B 12 -4.26 19.23 8.31
N ARG B 13 -4.44 20.56 8.39
CA ARG B 13 -3.68 21.41 9.31
C ARG B 13 -3.90 21.02 10.76
N PRO B 14 -2.84 20.87 11.54
CA PRO B 14 -3.14 20.52 12.93
C PRO B 14 -4.18 21.53 13.43
N SER B 15 -4.80 21.24 14.56
CA SER B 15 -5.81 22.14 15.11
C SER B 15 -7.13 22.14 14.34
N GLN B 16 -7.08 22.02 13.01
CA GLN B 16 -8.31 22.00 12.20
C GLN B 16 -9.01 20.69 12.44
N THR B 17 -10.07 20.38 11.68
CA THR B 17 -10.81 19.13 11.92
C THR B 17 -10.94 18.12 10.79
N LEU B 18 -10.69 16.85 11.10
CA LEU B 18 -10.79 15.78 10.10
C LEU B 18 -12.24 15.48 9.71
N SER B 19 -12.43 15.29 8.41
CA SER B 19 -13.72 15.05 7.82
C SER B 19 -13.69 14.02 6.68
N LEU B 20 -14.41 12.91 6.82
CA LEU B 20 -14.47 11.86 5.79
C LEU B 20 -15.87 11.31 5.55
N THR B 21 -16.11 10.85 4.33
CA THR B 21 -17.39 10.29 3.97
C THR B 21 -17.28 8.92 3.34
N CYS B 22 -18.07 8.00 3.86
CA CYS B 22 -18.17 6.62 3.39
C CYS B 22 -19.39 6.70 2.50
N THR B 23 -19.21 6.70 1.20
CA THR B 23 -20.38 6.75 0.33
C THR B 23 -20.73 5.29 0.13
N VAL B 24 -21.93 4.88 0.51
CA VAL B 24 -22.32 3.47 0.38
C VAL B 24 -23.30 3.24 -0.76
N SER B 25 -23.39 2.00 -1.23
CA SER B 25 -24.30 1.60 -2.31
C SER B 25 -24.32 0.09 -2.47
N GLY B 26 -25.46 -0.54 -2.19
CA GLY B 26 -25.56 -1.99 -2.31
C GLY B 26 -26.17 -2.61 -1.07
N PHE B 27 -26.49 -1.78 -0.08
CA PHE B 27 -27.10 -2.23 1.16
C PHE B 27 -27.65 -0.99 1.90
N THR B 28 -28.07 -1.16 3.16
CA THR B 28 -28.62 -0.04 3.94
C THR B 28 -28.19 -0.03 5.38
N PHE B 29 -28.15 1.16 5.97
CA PHE B 29 -27.78 1.24 7.36
C PHE B 29 -28.89 0.63 8.17
N THR B 30 -30.11 0.66 7.64
CA THR B 30 -31.27 0.05 8.31
C THR B 30 -31.15 -1.44 8.63
N ASP B 31 -30.06 -2.09 8.29
CA ASP B 31 -29.92 -3.48 8.66
C ASP B 31 -28.43 -3.72 8.83
N PHE B 32 -27.68 -2.67 9.15
CA PHE B 32 -26.25 -2.80 9.29
C PHE B 32 -25.49 -1.74 10.08
N TYR B 33 -24.67 -2.20 11.02
CA TYR B 33 -23.87 -1.27 11.78
C TYR B 33 -22.68 -0.82 10.92
N MET B 34 -22.50 0.49 10.83
CA MET B 34 -21.39 1.04 10.10
C MET B 34 -20.35 1.53 11.10
N ASN B 35 -19.17 0.91 11.14
CA ASN B 35 -18.11 1.39 12.01
C ASN B 35 -16.95 1.79 11.15
N TRP B 36 -15.96 2.50 11.69
CA TRP B 36 -14.74 2.89 10.97
C TRP B 36 -13.48 2.15 11.47
N VAL B 37 -12.37 2.32 10.79
CA VAL B 37 -11.15 1.67 11.23
C VAL B 37 -10.01 2.52 10.75
N ARG B 38 -8.97 2.68 11.55
CA ARG B 38 -7.86 3.53 11.17
C ARG B 38 -6.60 2.76 11.32
N GLN B 39 -5.61 3.08 10.50
CA GLN B 39 -4.30 2.42 10.56
C GLN B 39 -3.13 3.40 10.23
N PRO B 40 -2.38 3.91 11.23
CA PRO B 40 -1.27 4.83 10.90
C PRO B 40 -0.23 4.15 10.03
N PRO B 41 0.68 4.92 9.42
CA PRO B 41 1.73 4.42 8.55
C PRO B 41 2.36 3.14 9.07
N GLY B 42 2.33 2.10 8.24
CA GLY B 42 2.90 0.83 8.62
C GLY B 42 2.60 0.40 10.06
N ARG B 43 1.33 0.22 10.39
CA ARG B 43 1.00 -0.22 11.73
C ARG B 43 -0.18 -1.18 11.78
N GLY B 44 -0.93 -1.12 12.88
CA GLY B 44 -2.07 -2.00 13.02
C GLY B 44 -3.36 -1.22 13.19
N LEU B 45 -4.39 -1.73 12.56
CA LEU B 45 -5.73 -1.15 12.62
C LEU B 45 -6.07 -0.80 14.09
N GLU B 46 -7.00 0.15 14.30
CA GLU B 46 -7.48 0.56 15.61
C GLU B 46 -8.92 0.93 15.38
N TRP B 47 -9.82 0.25 16.08
CA TRP B 47 -11.25 0.47 15.92
C TRP B 47 -11.64 1.83 16.48
N ILE B 48 -12.20 2.76 15.71
CA ILE B 48 -12.59 4.04 16.33
C ILE B 48 -13.92 3.87 17.06
N GLY B 49 -14.83 3.14 16.42
CA GLY B 49 -16.17 2.90 16.97
C GLY B 49 -17.14 2.68 15.84
N PHE B 50 -18.44 2.62 16.11
CA PHE B 50 -19.42 2.41 15.06
C PHE B 50 -20.66 3.19 15.32
N ILE B 51 -21.68 2.86 14.53
CA ILE B 51 -23.01 3.46 14.66
C ILE B 51 -24.09 2.38 14.42
N ARG B 52 -25.19 2.44 15.14
CA ARG B 52 -26.20 1.39 15.00
C ARG B 52 -27.36 1.64 14.07
N ASP B 53 -27.90 0.56 13.52
CA ASP B 53 -29.04 0.59 12.59
C ASP B 53 -30.22 1.47 12.91
N LYS B 54 -31.35 1.17 12.28
CA LYS B 54 -32.56 1.95 12.50
C LYS B 54 -33.23 1.58 13.82
N ALA B 55 -33.28 0.29 14.11
CA ALA B 55 -33.92 -0.17 15.32
C ALA B 55 -33.32 0.54 16.52
N LYS B 56 -32.05 0.32 16.75
CA LYS B 56 -31.33 0.90 17.89
C LYS B 56 -31.24 2.41 17.80
N GLY B 57 -31.85 2.97 16.77
CA GLY B 57 -31.75 4.40 16.58
C GLY B 57 -30.35 4.45 16.05
N TYR B 58 -29.96 5.51 15.38
CA TYR B 58 -28.59 5.48 14.89
C TYR B 58 -27.69 6.04 15.93
N THR B 59 -27.48 5.23 16.96
CA THR B 59 -26.64 5.54 18.09
C THR B 59 -25.22 5.15 17.77
N THR B 60 -24.32 5.78 18.49
CA THR B 60 -22.90 5.61 18.28
C THR B 60 -22.16 5.22 19.55
N GLU B 61 -21.12 4.40 19.40
CA GLU B 61 -20.32 3.96 20.55
C GLU B 61 -18.82 3.93 20.23
N TYR B 62 -18.14 5.02 20.57
CA TYR B 62 -16.71 5.17 20.33
C TYR B 62 -15.76 4.39 21.23
N ASN B 63 -14.61 4.01 20.65
CA ASN B 63 -13.56 3.31 21.36
C ASN B 63 -13.13 4.31 22.42
N PRO B 64 -12.80 3.85 23.62
CA PRO B 64 -12.39 4.77 24.70
C PRO B 64 -11.31 5.76 24.28
N SER B 65 -10.52 5.38 23.28
CA SER B 65 -9.42 6.20 22.77
C SER B 65 -9.75 7.58 22.25
N VAL B 66 -10.48 7.61 21.14
CA VAL B 66 -10.82 8.89 20.54
C VAL B 66 -12.02 9.53 21.23
N LYS B 67 -12.98 8.70 21.65
CA LYS B 67 -14.20 9.19 22.29
C LYS B 67 -13.95 10.54 22.92
N GLY B 68 -14.70 11.54 22.49
CA GLY B 68 -14.50 12.86 23.03
C GLY B 68 -14.18 13.80 21.90
N ARG B 69 -13.74 13.19 20.80
CA ARG B 69 -13.37 13.90 19.57
C ARG B 69 -14.22 13.48 18.38
N VAL B 70 -14.33 12.16 18.18
CA VAL B 70 -15.11 11.59 17.07
C VAL B 70 -16.58 11.96 17.12
N THR B 71 -17.26 11.73 16.01
CA THR B 71 -18.67 12.04 15.88
C THR B 71 -19.29 11.50 14.61
N MET B 72 -19.39 10.17 14.49
CA MET B 72 -20.01 9.61 13.30
C MET B 72 -21.52 9.95 13.19
N LEU B 73 -22.13 9.61 12.06
CA LEU B 73 -23.56 9.91 11.83
C LEU B 73 -23.93 9.54 10.40
N VAL B 74 -25.22 9.45 10.08
CA VAL B 74 -25.57 9.02 8.72
C VAL B 74 -26.79 9.65 8.06
N ASP B 75 -26.64 10.02 6.78
CA ASP B 75 -27.73 10.61 6.01
C ASP B 75 -28.26 9.60 5.02
N THR B 76 -29.15 8.75 5.53
CA THR B 76 -29.79 7.67 4.80
C THR B 76 -30.36 8.12 3.46
N SER B 77 -30.52 9.41 3.28
CA SER B 77 -31.05 9.97 2.04
C SER B 77 -29.93 10.14 1.02
N LYS B 78 -28.69 10.31 1.47
CA LYS B 78 -27.57 10.46 0.54
C LYS B 78 -26.63 9.26 0.61
N ASN B 79 -27.06 8.22 1.32
CA ASN B 79 -26.28 7.00 1.49
C ASN B 79 -24.79 7.14 1.74
N GLN B 80 -24.49 7.97 2.75
CA GLN B 80 -23.15 8.25 3.21
C GLN B 80 -22.89 7.68 4.62
N PHE B 81 -21.94 8.24 5.36
CA PHE B 81 -21.60 7.72 6.67
C PHE B 81 -20.40 8.51 7.23
N SER B 82 -20.55 9.84 7.23
CA SER B 82 -19.57 10.84 7.68
C SER B 82 -18.87 10.60 9.02
N LEU B 83 -17.58 10.94 9.09
CA LEU B 83 -16.77 10.84 10.34
C LEU B 83 -16.10 12.18 10.53
N ARG B 84 -16.12 12.72 11.75
CA ARG B 84 -15.50 14.02 12.00
C ARG B 84 -14.67 13.95 13.26
N LEU B 85 -13.37 14.24 13.14
CA LEU B 85 -12.45 14.23 14.29
C LEU B 85 -12.01 15.64 14.65
N SER B 86 -12.15 16.06 15.89
CA SER B 86 -11.68 17.40 16.16
C SER B 86 -10.30 17.29 16.79
N SER B 87 -9.45 18.28 16.54
CA SER B 87 -8.08 18.35 17.08
C SER B 87 -7.08 17.37 16.46
N VAL B 88 -7.15 17.15 15.16
CA VAL B 88 -6.24 16.23 14.49
C VAL B 88 -4.79 16.63 14.69
N THR B 89 -3.99 15.66 15.10
CA THR B 89 -2.56 15.88 15.31
C THR B 89 -1.77 14.83 14.58
N ALA B 90 -0.47 15.02 14.48
CA ALA B 90 0.29 14.05 13.73
C ALA B 90 0.02 12.57 14.10
N ALA B 91 -0.65 12.32 15.23
CA ALA B 91 -0.91 10.95 15.65
C ALA B 91 -2.07 10.31 14.91
N ASP B 92 -3.14 11.08 14.73
CA ASP B 92 -4.29 10.60 14.01
C ASP B 92 -4.00 10.59 12.52
N THR B 93 -2.96 9.87 12.10
CA THR B 93 -2.61 9.78 10.68
C THR B 93 -2.65 8.31 10.42
N ALA B 94 -3.21 7.97 9.27
CA ALA B 94 -3.34 6.57 8.94
C ALA B 94 -4.11 6.54 7.64
N VAL B 95 -4.79 5.42 7.43
CA VAL B 95 -5.67 5.25 6.30
C VAL B 95 -6.91 5.04 7.11
N TYR B 96 -7.94 5.85 6.88
CA TYR B 96 -9.18 5.69 7.61
C TYR B 96 -10.09 4.81 6.76
N TYR B 97 -10.50 3.67 7.34
CA TYR B 97 -11.37 2.67 6.69
C TYR B 97 -12.82 2.66 7.19
N CYS B 98 -13.79 2.43 6.30
CA CYS B 98 -15.13 2.32 6.81
C CYS B 98 -15.60 0.92 6.51
N ALA B 99 -15.54 0.03 7.51
CA ALA B 99 -15.97 -1.35 7.36
C ALA B 99 -17.43 -1.37 7.69
N ARG B 100 -18.18 -2.32 7.13
CA ARG B 100 -19.63 -2.42 7.38
C ARG B 100 -19.93 -3.64 8.21
N GLU B 101 -20.04 -3.49 9.53
CA GLU B 101 -20.29 -4.65 10.36
C GLU B 101 -21.48 -5.37 9.82
N GLY B 102 -21.34 -6.66 9.53
CA GLY B 102 -22.47 -7.39 8.99
C GLY B 102 -23.50 -8.23 9.76
N HIS B 103 -23.58 -9.48 9.35
CA HIS B 103 -24.49 -10.44 9.91
C HIS B 103 -23.64 -11.68 10.14
N THR B 104 -23.38 -11.96 11.41
CA THR B 104 -22.54 -13.07 11.85
C THR B 104 -21.13 -12.80 11.36
N ALA B 105 -21.00 -12.65 10.04
CA ALA B 105 -19.73 -12.36 9.38
C ALA B 105 -19.00 -11.30 10.18
N ALA B 106 -19.79 -10.47 10.82
CA ALA B 106 -19.30 -9.38 11.63
C ALA B 106 -18.20 -9.89 12.51
N PRO B 107 -17.35 -8.98 13.01
CA PRO B 107 -17.48 -7.58 12.71
C PRO B 107 -16.64 -7.35 11.48
N PHE B 108 -17.02 -6.43 10.60
CA PHE B 108 -16.20 -6.12 9.43
C PHE B 108 -16.15 -7.18 8.31
N ASP B 109 -17.05 -7.10 7.34
CA ASP B 109 -17.06 -8.06 6.21
C ASP B 109 -16.84 -7.33 4.89
N TYR B 110 -17.22 -6.05 4.87
CA TYR B 110 -17.03 -5.22 3.69
C TYR B 110 -16.36 -3.92 4.07
N TRP B 111 -15.10 -3.79 3.66
CA TRP B 111 -14.28 -2.60 3.93
C TRP B 111 -14.27 -1.67 2.74
N GLY B 112 -13.98 -0.41 2.96
CA GLY B 112 -13.93 0.52 1.87
C GLY B 112 -12.61 0.28 1.18
N GLN B 113 -12.07 1.29 0.50
CA GLN B 113 -10.78 1.14 -0.15
C GLN B 113 -9.87 1.71 0.89
N GLY B 114 -9.54 2.98 0.70
CA GLY B 114 -8.69 3.66 1.64
C GLY B 114 -8.63 5.13 1.32
N SER B 115 -8.39 5.94 2.34
CA SER B 115 -8.28 7.36 2.17
C SER B 115 -7.20 7.85 3.16
N LEU B 116 -5.99 8.18 2.69
CA LEU B 116 -4.94 8.63 3.61
C LEU B 116 -5.19 10.08 4.05
N VAL B 117 -5.26 10.31 5.36
CA VAL B 117 -5.48 11.64 5.92
C VAL B 117 -4.20 12.07 6.62
N THR B 118 -3.34 12.84 5.96
CA THR B 118 -2.10 13.26 6.58
C THR B 118 -2.28 14.56 7.35
N VAL B 119 -1.70 14.62 8.55
CA VAL B 119 -1.78 15.81 9.38
C VAL B 119 -0.41 16.45 9.27
N SER B 120 -0.35 17.64 8.70
CA SER B 120 0.90 18.34 8.51
C SER B 120 0.60 19.80 8.41
N SER B 121 1.42 20.62 9.04
CA SER B 121 1.25 22.06 8.99
C SER B 121 1.77 22.50 7.62
N ALA B 122 1.87 21.57 6.69
CA ALA B 122 2.38 21.86 5.37
C ALA B 122 1.25 22.24 4.45
N SER B 123 1.41 21.93 3.16
CA SER B 123 0.42 22.23 2.12
C SER B 123 0.53 21.27 0.93
N THR B 124 -0.37 21.42 -0.04
CA THR B 124 -0.40 20.56 -1.23
C THR B 124 0.80 20.70 -2.17
N LYS B 125 0.68 20.11 -3.38
CA LYS B 125 1.73 20.15 -4.41
C LYS B 125 1.45 19.25 -5.64
N GLY B 126 1.21 19.88 -6.78
CA GLY B 126 0.92 19.11 -7.97
C GLY B 126 2.10 18.28 -8.46
N PRO B 127 1.93 16.95 -8.61
CA PRO B 127 2.97 16.02 -9.08
C PRO B 127 3.35 16.24 -10.55
N SER B 128 4.56 15.84 -10.87
CA SER B 128 5.05 15.98 -12.23
C SER B 128 5.42 14.64 -12.74
N VAL B 129 4.79 14.26 -13.85
CA VAL B 129 5.04 13.00 -14.51
C VAL B 129 5.98 13.22 -15.72
N PHE B 130 7.10 12.53 -15.73
CA PHE B 130 8.08 12.65 -16.79
C PHE B 130 8.11 11.32 -17.58
N PRO B 131 7.72 11.35 -18.85
CA PRO B 131 7.68 10.16 -19.68
C PRO B 131 8.98 9.42 -19.72
N LEU B 132 9.14 8.36 -18.95
CA LEU B 132 10.40 7.65 -19.04
C LEU B 132 10.51 6.63 -20.20
N ALA B 133 11.23 7.01 -21.26
CA ALA B 133 11.40 6.15 -22.43
C ALA B 133 12.38 5.03 -22.19
N PRO B 134 12.08 3.83 -22.72
CA PRO B 134 12.80 2.54 -22.66
C PRO B 134 14.29 2.60 -23.01
N ALA B 144 11.84 -5.65 -23.04
CA ALA B 144 11.91 -4.14 -22.93
C ALA B 144 10.95 -3.50 -21.91
N ALA B 145 11.37 -2.38 -21.29
CA ALA B 145 10.60 -1.70 -20.25
C ALA B 145 10.16 -0.25 -20.48
N LEU B 146 9.10 0.14 -19.77
CA LEU B 146 8.53 1.49 -19.84
C LEU B 146 8.23 1.93 -18.41
N GLY B 147 8.05 3.24 -18.20
CA GLY B 147 7.73 3.70 -16.86
C GLY B 147 7.28 5.13 -16.91
N CYS B 148 7.13 5.75 -15.75
CA CYS B 148 6.77 7.15 -15.72
C CYS B 148 7.34 7.68 -14.41
N LEU B 149 7.82 8.93 -14.40
CA LEU B 149 8.34 9.52 -13.18
C LEU B 149 7.29 10.52 -12.74
N VAL B 150 6.63 10.25 -11.61
CA VAL B 150 5.62 11.11 -11.02
C VAL B 150 6.45 11.75 -9.92
N LYS B 151 7.01 12.91 -10.27
CA LYS B 151 7.94 13.66 -9.45
C LYS B 151 7.48 14.92 -8.75
N ASP B 152 7.93 15.06 -7.49
CA ASP B 152 7.70 16.20 -6.58
C ASP B 152 6.29 16.58 -6.28
N TYR B 153 5.69 16.00 -5.24
CA TYR B 153 4.32 16.34 -4.83
C TYR B 153 4.04 16.11 -3.35
N PHE B 154 2.89 16.56 -2.89
CA PHE B 154 2.54 16.36 -1.49
C PHE B 154 1.14 16.96 -1.21
N PRO B 155 0.31 16.29 -0.37
CA PRO B 155 0.47 15.06 0.41
C PRO B 155 0.17 13.83 -0.41
N GLU B 156 0.44 12.65 0.17
CA GLU B 156 0.19 11.32 -0.44
C GLU B 156 -1.30 10.89 -0.33
N PRO B 157 -1.69 9.81 -1.00
CA PRO B 157 -0.95 8.89 -1.87
C PRO B 157 -1.27 9.29 -3.25
N VAL B 158 -0.40 8.94 -4.19
CA VAL B 158 -0.64 9.23 -5.59
C VAL B 158 -0.91 7.86 -6.27
N THR B 159 -1.94 7.76 -7.12
CA THR B 159 -2.29 6.48 -7.76
C THR B 159 -2.14 6.51 -9.26
N VAL B 160 -1.37 5.59 -9.85
CA VAL B 160 -1.20 5.58 -11.32
C VAL B 160 -1.58 4.25 -11.98
N SER B 161 -2.28 4.32 -13.11
CA SER B 161 -2.71 3.12 -13.84
C SER B 161 -2.66 3.38 -15.34
N TRP B 162 -2.00 2.48 -16.05
CA TRP B 162 -1.82 2.57 -17.49
C TRP B 162 -2.98 2.17 -18.36
N ASN B 163 -3.16 2.91 -19.43
CA ASN B 163 -4.20 2.62 -20.38
C ASN B 163 -5.54 2.39 -19.69
N SER B 164 -5.78 3.20 -18.65
CA SER B 164 -7.01 3.16 -17.89
C SER B 164 -7.62 1.76 -17.83
N GLY B 165 -6.75 0.76 -17.75
CA GLY B 165 -7.20 -0.61 -17.67
C GLY B 165 -6.21 -1.53 -18.33
N ALA B 166 -6.59 -2.02 -19.50
CA ALA B 166 -5.81 -2.96 -20.31
C ALA B 166 -4.56 -3.53 -19.69
N LEU B 167 -3.55 -2.68 -19.52
CA LEU B 167 -2.27 -3.12 -18.99
C LEU B 167 -2.18 -3.39 -17.50
N THR B 168 -1.99 -4.68 -17.23
CA THR B 168 -1.82 -5.22 -15.91
C THR B 168 -0.69 -6.23 -16.14
N SER B 169 -0.53 -7.22 -15.27
CA SER B 169 0.54 -8.20 -15.41
C SER B 169 1.72 -7.67 -16.22
N GLY B 170 2.64 -7.01 -15.51
CA GLY B 170 3.82 -6.43 -16.13
C GLY B 170 4.15 -5.09 -15.50
N VAL B 171 3.19 -4.56 -14.75
CA VAL B 171 3.34 -3.28 -14.08
C VAL B 171 4.00 -3.48 -12.74
N HIS B 172 4.80 -2.48 -12.36
CA HIS B 172 5.50 -2.44 -11.08
C HIS B 172 5.42 -1.00 -10.60
N THR B 173 4.30 -0.55 -10.02
CA THR B 173 4.24 0.82 -9.51
C THR B 173 4.86 0.78 -8.12
N PHE B 174 6.00 1.43 -7.99
CA PHE B 174 6.75 1.52 -6.74
C PHE B 174 6.08 2.33 -5.60
N PRO B 175 6.66 2.28 -4.40
CA PRO B 175 6.12 3.00 -3.25
C PRO B 175 6.19 4.51 -3.38
N ALA B 176 7.15 5.10 -2.68
CA ALA B 176 7.39 6.54 -2.67
C ALA B 176 8.61 6.80 -1.78
N VAL B 177 9.20 7.96 -1.94
CA VAL B 177 10.35 8.32 -1.15
C VAL B 177 10.12 9.80 -0.93
N LEU B 178 10.61 10.30 0.19
CA LEU B 178 10.45 11.71 0.49
C LEU B 178 11.81 12.34 0.19
N GLN B 179 11.78 13.19 -0.82
CA GLN B 179 12.96 13.90 -1.27
C GLN B 179 13.34 14.97 -0.27
N SER B 180 14.61 15.33 -0.23
CA SER B 180 15.08 16.36 0.68
C SER B 180 14.19 17.58 0.45
N SER B 181 13.71 17.73 -0.78
CA SER B 181 12.86 18.87 -1.11
C SER B 181 11.75 18.81 -0.11
N GLY B 182 11.64 17.61 0.48
CA GLY B 182 10.63 17.34 1.48
C GLY B 182 9.42 16.90 0.71
N LEU B 183 9.68 16.45 -0.51
CA LEU B 183 8.64 15.99 -1.41
C LEU B 183 8.74 14.53 -1.83
N TYR B 184 7.58 13.99 -2.07
CA TYR B 184 7.43 12.63 -2.46
C TYR B 184 7.74 12.42 -3.93
N SER B 185 8.18 11.22 -4.26
CA SER B 185 8.49 10.95 -5.63
C SER B 185 8.66 9.47 -5.92
N LEU B 186 7.62 8.87 -6.51
CA LEU B 186 7.61 7.46 -6.90
C LEU B 186 7.77 7.40 -8.43
N SER B 187 7.91 6.20 -8.97
CA SER B 187 7.99 6.06 -10.42
C SER B 187 7.52 4.67 -10.88
N SER B 188 6.31 4.64 -11.44
CA SER B 188 5.64 3.45 -11.98
C SER B 188 6.24 2.98 -13.30
N VAL B 189 6.56 1.69 -13.35
CA VAL B 189 7.22 1.02 -14.47
C VAL B 189 6.55 -0.30 -14.86
N VAL B 190 6.40 -0.56 -16.16
CA VAL B 190 5.75 -1.79 -16.61
C VAL B 190 6.32 -2.48 -17.86
N THR B 191 7.36 -3.30 -17.70
CA THR B 191 7.97 -4.02 -18.83
C THR B 191 6.94 -4.59 -19.83
N VAL B 192 7.20 -4.37 -21.13
CA VAL B 192 6.31 -4.84 -22.19
C VAL B 192 7.06 -5.75 -23.13
N PRO B 193 6.33 -6.54 -23.95
CA PRO B 193 6.90 -7.48 -24.90
C PRO B 193 7.85 -6.83 -25.89
N SER B 194 8.99 -7.49 -26.09
CA SER B 194 10.05 -7.04 -27.00
C SER B 194 9.49 -6.26 -28.18
N SER B 195 8.87 -6.97 -29.13
CA SER B 195 8.23 -6.34 -30.30
C SER B 195 6.73 -6.24 -30.07
N SER B 196 6.26 -5.02 -29.96
CA SER B 196 4.85 -4.71 -29.73
C SER B 196 4.78 -3.26 -29.23
N LEU B 197 5.58 -2.42 -29.88
CA LEU B 197 5.73 -1.00 -29.58
C LEU B 197 5.76 -0.23 -30.91
N GLY B 198 4.81 -0.55 -31.80
CA GLY B 198 4.74 0.10 -33.10
C GLY B 198 4.55 1.60 -33.06
N THR B 199 3.44 2.08 -33.62
CA THR B 199 3.12 3.51 -33.57
C THR B 199 1.95 3.52 -32.59
N GLN B 200 2.07 2.60 -31.62
CA GLN B 200 1.08 2.33 -30.57
C GLN B 200 1.03 3.25 -29.36
N THR B 201 -0.08 3.08 -28.66
CA THR B 201 -0.41 3.82 -27.48
C THR B 201 0.12 3.14 -26.23
N TYR B 202 0.11 3.92 -25.15
CA TYR B 202 0.47 3.59 -23.77
C TYR B 202 0.27 4.88 -23.03
N ILE B 203 -0.94 5.13 -22.56
CA ILE B 203 -1.16 6.35 -21.85
C ILE B 203 -0.63 6.13 -20.44
N CYS B 204 -0.42 7.21 -19.69
CA CYS B 204 0.09 7.11 -18.33
C CYS B 204 -0.91 7.89 -17.48
N ASN B 205 -1.67 7.20 -16.64
CA ASN B 205 -2.72 7.82 -15.82
C ASN B 205 -2.37 8.11 -14.37
N VAL B 206 -1.50 9.08 -14.13
CA VAL B 206 -1.12 9.42 -12.78
C VAL B 206 -2.26 10.18 -12.17
N ASN B 207 -2.89 9.63 -11.14
CA ASN B 207 -4.00 10.32 -10.52
C ASN B 207 -3.43 10.81 -9.18
N HIS B 208 -3.98 11.91 -8.66
CA HIS B 208 -3.53 12.46 -7.39
C HIS B 208 -4.61 13.40 -6.87
N LYS B 209 -5.38 12.89 -5.89
CA LYS B 209 -6.49 13.61 -5.27
C LYS B 209 -6.13 14.79 -4.36
N PRO B 210 -5.22 14.58 -3.38
CA PRO B 210 -4.86 15.67 -2.49
C PRO B 210 -4.79 17.06 -3.16
N SER B 211 -4.21 17.11 -4.35
CA SER B 211 -4.06 18.37 -5.09
C SER B 211 -5.30 18.80 -5.85
N ASN B 212 -5.83 17.83 -6.58
CA ASN B 212 -6.99 17.95 -7.47
C ASN B 212 -6.37 17.97 -8.85
N THR B 213 -5.27 17.22 -9.02
CA THR B 213 -4.51 17.16 -10.28
C THR B 213 -4.58 15.87 -11.11
N LYS B 214 -4.74 16.03 -12.43
CA LYS B 214 -4.82 14.92 -13.37
C LYS B 214 -3.80 15.05 -14.52
N VAL B 215 -3.09 13.97 -14.78
CA VAL B 215 -2.13 13.93 -15.88
C VAL B 215 -2.07 12.55 -16.53
N ASP B 216 -2.14 12.53 -17.84
CA ASP B 216 -2.08 11.27 -18.53
C ASP B 216 -0.94 11.27 -19.52
N LYS B 217 0.29 11.25 -19.04
CA LYS B 217 1.42 11.30 -19.95
C LYS B 217 1.50 10.06 -20.87
N LYS B 218 1.98 10.29 -22.10
CA LYS B 218 2.14 9.26 -23.10
C LYS B 218 3.59 8.81 -23.06
N VAL B 219 3.89 7.64 -22.51
CA VAL B 219 5.29 7.20 -22.50
C VAL B 219 5.65 6.67 -23.87
#